data_2IJM
#
_entry.id   2IJM
#
_cell.length_a   45.432
_cell.length_b   51.645
_cell.length_c   66.544
_cell.angle_alpha   99.81
_cell.angle_beta   103.55
_cell.angle_gamma   90.69
#
_symmetry.space_group_name_H-M   'P 1'
#
loop_
_entity.id
_entity.type
_entity.pdbx_description
1 polymer 'Focal Adhesion Kinase 1'
2 non-polymer "ADENOSINE-5'-TRIPHOSPHATE"
3 non-polymer "ADENOSINE-5'-DIPHOSPHATE"
4 water water
#
_entity_poly.entity_id   1
_entity_poly.type   'polypeptide(L)'
_entity_poly.pdbx_seq_one_letter_code
;GASTRDYEIQRERIELGRCIGEGQFGDVHQGIYMSPENPALAVAIKTCKNCTSDSVREKFLQEALTMRQFDHPHIVKLIG
VITENPVWIIMELCTLGELRSFLQVRKYSLDLASLILYAYQLSTALAYLESKRFVHRDIAARNVLVSSNDCVKLGDFGLS
RYMEDSTYYKASKGKLPIKWMAPESINFRRFTSASDVWMFGVCMWEILMHGVKPFQGVKNNDVIGRIENGERLPMPPNCP
PTLYSLMTKCWAYDPSRRPRFTELKAQLSTILEEEKAQQEE
;
_entity_poly.pdbx_strand_id   A,B
#
# COMPACT_ATOMS: atom_id res chain seq x y z
N ASP A 6 -25.46 11.60 19.81
CA ASP A 6 -24.30 12.16 20.58
C ASP A 6 -22.95 11.98 19.85
N TYR A 7 -22.88 10.95 19.01
CA TYR A 7 -21.68 10.67 18.22
C TYR A 7 -21.82 10.96 16.72
N GLU A 8 -23.04 11.26 16.27
CA GLU A 8 -23.26 11.56 14.86
C GLU A 8 -22.57 12.85 14.45
N ILE A 9 -21.84 12.82 13.34
CA ILE A 9 -21.16 14.01 12.85
C ILE A 9 -21.69 14.41 11.47
N GLN A 10 -21.69 15.71 11.23
CA GLN A 10 -22.09 16.27 9.95
C GLN A 10 -20.87 16.27 9.05
N ARG A 11 -20.97 15.67 7.87
CA ARG A 11 -19.75 15.42 7.07
C ARG A 11 -19.16 16.64 6.38
N GLU A 12 -19.87 17.77 6.41
CA GLU A 12 -19.29 19.03 5.99
C GLU A 12 -18.32 19.60 7.03
N ARG A 13 -18.28 18.96 8.20
CA ARG A 13 -17.31 19.30 9.25
C ARG A 13 -16.05 18.44 9.15
N ILE A 14 -16.02 17.55 8.16
CA ILE A 14 -14.86 16.69 7.90
C ILE A 14 -14.37 16.88 6.47
N GLU A 15 -13.05 16.97 6.33
CA GLU A 15 -12.42 16.96 5.03
C GLU A 15 -11.48 15.76 4.90
N LEU A 16 -11.75 14.90 3.92
CA LEU A 16 -10.88 13.78 3.59
C LEU A 16 -9.51 14.27 3.17
N GLY A 17 -8.47 13.58 3.63
CA GLY A 17 -7.12 13.78 3.15
C GLY A 17 -6.58 12.45 2.64
N ARG A 18 -5.26 12.31 2.69
CA ARG A 18 -4.53 11.14 2.19
C ARG A 18 -5.10 9.78 2.63
N CYS A 19 -5.07 8.79 1.75
CA CYS A 19 -5.37 7.42 2.12
C CYS A 19 -4.18 6.85 2.88
N ILE A 20 -4.37 6.59 4.17
CA ILE A 20 -3.29 6.19 5.07
C ILE A 20 -3.28 4.68 5.35
N GLY A 21 -4.19 3.98 4.70
CA GLY A 21 -4.24 2.54 4.81
C GLY A 21 -5.46 1.99 4.15
N GLU A 22 -5.49 0.68 4.01
CA GLU A 22 -6.63 0.01 3.43
C GLU A 22 -7.20 -0.90 4.50
N GLY A 23 -8.48 -0.73 4.79
CA GLY A 23 -9.16 -1.57 5.75
C GLY A 23 -9.98 -2.65 5.06
N GLN A 24 -10.54 -3.53 5.87
CA GLN A 24 -11.39 -4.63 5.46
C GLN A 24 -12.61 -4.19 4.65
N PHE A 25 -13.10 -3.00 4.97
CA PHE A 25 -14.33 -2.48 4.40
C PHE A 25 -14.08 -1.40 3.35
N GLY A 26 -12.99 -0.68 3.51
CA GLY A 26 -12.67 0.43 2.62
C GLY A 26 -11.34 1.06 2.96
N ASP A 27 -11.02 2.15 2.27
CA ASP A 27 -9.80 2.85 2.53
C ASP A 27 -9.94 3.60 3.83
N VAL A 28 -8.82 3.77 4.52
CA VAL A 28 -8.76 4.63 5.67
C VAL A 28 -8.00 5.85 5.22
N HIS A 29 -8.55 7.02 5.55
CA HIS A 29 -7.97 8.31 5.22
C HIS A 29 -7.65 9.07 6.48
N GLN A 30 -6.58 9.88 6.42
CA GLN A 30 -6.35 10.93 7.39
C GLN A 30 -7.22 12.09 6.95
N GLY A 31 -7.45 13.03 7.85
CA GLY A 31 -8.27 14.20 7.55
C GLY A 31 -8.38 15.08 8.77
N ILE A 32 -9.41 15.91 8.79
CA ILE A 32 -9.60 16.87 9.87
C ILE A 32 -11.09 17.04 10.21
N TYR A 33 -11.38 17.04 11.50
CA TYR A 33 -12.70 17.41 11.99
C TYR A 33 -12.60 18.82 12.57
N MET A 34 -13.46 19.69 12.09
CA MET A 34 -13.43 21.10 12.49
C MET A 34 -14.82 21.61 12.85
N SER A 35 -14.92 22.13 14.07
CA SER A 35 -16.10 22.84 14.52
C SER A 35 -15.68 24.26 14.97
N PRO A 36 -16.38 25.31 14.44
CA PRO A 36 -16.11 26.75 14.51
C PRO A 36 -15.13 27.28 15.59
N GLU A 37 -15.25 26.79 16.82
CA GLU A 37 -14.26 27.13 17.86
C GLU A 37 -13.53 25.90 18.42
N ASN A 38 -12.20 25.93 18.24
CA ASN A 38 -11.21 24.93 18.71
C ASN A 38 -10.35 24.45 17.52
N PRO A 39 -9.24 23.72 17.78
CA PRO A 39 -8.62 22.87 16.77
C PRO A 39 -9.63 22.28 15.75
N ALA A 40 -9.21 21.90 14.53
CA ALA A 40 -7.85 21.53 14.14
C ALA A 40 -7.56 20.18 14.76
N LEU A 41 -8.55 19.29 14.65
CA LEU A 41 -8.44 17.93 15.14
C LEU A 41 -8.13 17.02 13.97
N ALA A 42 -6.89 16.53 13.92
CA ALA A 42 -6.52 15.50 12.97
C ALA A 42 -7.34 14.25 13.29
N VAL A 43 -7.90 13.60 12.28
CA VAL A 43 -8.71 12.40 12.46
C VAL A 43 -8.43 11.37 11.38
N ALA A 44 -8.70 10.11 11.71
CA ALA A 44 -8.75 9.04 10.74
C ALA A 44 -10.20 8.87 10.34
N ILE A 45 -10.42 8.55 9.07
CA ILE A 45 -11.75 8.33 8.56
C ILE A 45 -11.76 6.96 7.89
N LYS A 46 -12.41 6.01 8.55
CA LYS A 46 -12.62 4.72 7.95
C LYS A 46 -13.84 4.82 7.03
N THR A 47 -13.65 4.46 5.76
CA THR A 47 -14.69 4.47 4.75
C THR A 47 -15.13 3.03 4.52
N CYS A 48 -16.30 2.85 3.92
CA CYS A 48 -16.83 1.51 3.71
C CYS A 48 -17.44 1.41 2.32
N LYS A 49 -16.70 0.84 1.36
CA LYS A 49 -17.08 0.97 -0.05
C LYS A 49 -18.40 0.30 -0.40
N ASN A 50 -18.72 -0.80 0.29
CA ASN A 50 -19.95 -1.55 0.06
C ASN A 50 -21.03 -1.23 1.10
N CYS A 51 -20.94 -0.07 1.75
CA CYS A 51 -21.85 0.32 2.82
C CYS A 51 -23.34 0.35 2.46
N THR A 52 -23.68 0.56 1.20
CA THR A 52 -25.10 0.61 0.80
C THR A 52 -25.80 -0.72 1.10
N SER A 53 -25.05 -1.82 1.00
CA SER A 53 -25.49 -3.11 1.54
C SER A 53 -25.55 -3.01 3.06
N ASP A 54 -26.74 -3.19 3.64
CA ASP A 54 -26.90 -3.02 5.09
C ASP A 54 -26.17 -4.10 5.88
N SER A 55 -26.08 -5.29 5.31
CA SER A 55 -25.29 -6.36 5.90
C SER A 55 -23.85 -5.91 6.17
N VAL A 56 -23.21 -5.25 5.21
CA VAL A 56 -21.83 -4.82 5.44
C VAL A 56 -21.76 -3.54 6.31
N ARG A 57 -22.79 -2.71 6.24
CA ARG A 57 -22.85 -1.48 7.03
C ARG A 57 -22.93 -1.79 8.53
N GLU A 58 -23.77 -2.77 8.88
CA GLU A 58 -23.99 -3.21 10.25
C GLU A 58 -22.73 -3.81 10.85
N LYS A 59 -22.01 -4.57 10.02
CA LYS A 59 -20.73 -5.16 10.41
C LYS A 59 -19.63 -4.12 10.47
N PHE A 60 -19.76 -3.08 9.64
CA PHE A 60 -18.81 -1.97 9.61
C PHE A 60 -18.94 -1.06 10.83
N LEU A 61 -20.15 -0.60 11.12
CA LEU A 61 -20.40 0.31 12.22
C LEU A 61 -20.30 -0.37 13.59
N GLN A 62 -20.28 -1.70 13.58
CA GLN A 62 -20.12 -2.48 14.80
C GLN A 62 -18.83 -2.12 15.52
N GLU A 63 -17.78 -1.84 14.75
CA GLU A 63 -16.53 -1.40 15.35
C GLU A 63 -16.70 -0.14 16.20
N ALA A 64 -17.43 0.84 15.67
CA ALA A 64 -17.63 2.12 16.33
C ALA A 64 -18.47 1.94 17.58
N LEU A 65 -19.52 1.15 17.47
CA LEU A 65 -20.38 0.82 18.60
C LEU A 65 -19.58 0.22 19.79
N THR A 66 -18.62 -0.66 19.46
CA THR A 66 -17.76 -1.32 20.44
C THR A 66 -16.75 -0.37 21.05
N MET A 67 -16.00 0.34 20.20
CA MET A 67 -15.05 1.35 20.64
C MET A 67 -15.66 2.37 21.60
N ARG A 68 -16.93 2.67 21.37
CA ARG A 68 -17.69 3.64 22.13
C ARG A 68 -17.73 3.33 23.64
N GLN A 69 -17.74 2.04 23.99
CA GLN A 69 -17.82 1.61 25.40
C GLN A 69 -16.57 1.89 26.21
N PHE A 70 -15.47 2.18 25.51
CA PHE A 70 -14.16 2.24 26.15
C PHE A 70 -13.61 3.65 26.27
N ASP A 71 -12.90 3.88 27.37
CA ASP A 71 -12.26 5.16 27.66
C ASP A 71 -10.96 4.86 28.35
N HIS A 72 -9.87 4.86 27.59
CA HIS A 72 -8.55 4.53 28.14
C HIS A 72 -7.45 5.22 27.32
N PRO A 73 -6.37 5.70 27.97
CA PRO A 73 -5.29 6.39 27.22
C PRO A 73 -4.60 5.55 26.14
N HIS A 74 -4.69 4.22 26.25
CA HIS A 74 -4.02 3.36 25.29
C HIS A 74 -4.98 2.50 24.48
N ILE A 75 -6.16 3.06 24.28
CA ILE A 75 -7.13 2.51 23.38
C ILE A 75 -7.63 3.63 22.48
N VAL A 76 -7.61 3.37 21.17
CA VAL A 76 -8.15 4.30 20.17
C VAL A 76 -9.55 4.83 20.53
N LYS A 77 -9.68 6.16 20.50
CA LYS A 77 -10.92 6.83 20.87
C LYS A 77 -11.80 7.01 19.61
N LEU A 78 -13.09 6.68 19.75
CA LEU A 78 -14.10 7.05 18.77
C LEU A 78 -14.44 8.53 18.94
N ILE A 79 -14.47 9.24 17.83
CA ILE A 79 -14.84 10.65 17.81
C ILE A 79 -16.27 10.79 17.28
N GLY A 80 -16.60 10.01 16.26
CA GLY A 80 -17.98 9.99 15.77
C GLY A 80 -18.17 9.11 14.56
N VAL A 81 -19.39 9.14 14.04
CA VAL A 81 -19.79 8.38 12.86
C VAL A 81 -20.58 9.31 11.94
N ILE A 82 -20.52 9.07 10.64
CA ILE A 82 -21.51 9.60 9.71
C ILE A 82 -22.23 8.38 9.18
N THR A 83 -23.51 8.27 9.48
CA THR A 83 -24.23 7.03 9.25
C THR A 83 -25.08 7.02 7.95
N GLU A 84 -25.01 8.13 7.22
CA GLU A 84 -25.57 8.25 5.88
C GLU A 84 -24.49 7.81 4.90
N ASN A 85 -24.84 7.04 3.88
CA ASN A 85 -23.81 6.46 3.04
C ASN A 85 -23.35 7.41 1.91
N PRO A 86 -22.02 7.58 1.73
CA PRO A 86 -20.84 6.91 2.33
C PRO A 86 -20.75 6.94 3.87
N VAL A 87 -20.98 5.79 4.48
CA VAL A 87 -20.85 5.65 5.93
C VAL A 87 -19.38 5.74 6.29
N TRP A 88 -19.09 6.63 7.24
CA TRP A 88 -17.75 6.81 7.77
C TRP A 88 -17.69 6.64 9.29
N ILE A 89 -16.57 6.11 9.77
CA ILE A 89 -16.26 6.12 11.18
C ILE A 89 -15.12 7.12 11.36
N ILE A 90 -15.30 8.06 12.27
CA ILE A 90 -14.30 9.07 12.58
C ILE A 90 -13.68 8.71 13.92
N MET A 91 -12.38 8.62 13.95
CA MET A 91 -11.68 8.28 15.16
C MET A 91 -10.40 9.06 15.32
N GLU A 92 -9.85 8.92 16.51
CA GLU A 92 -8.57 9.46 16.87
C GLU A 92 -7.50 9.07 15.83
N LEU A 93 -6.74 10.06 15.41
CA LEU A 93 -5.66 9.81 14.47
C LEU A 93 -4.43 9.43 15.29
N CYS A 94 -3.86 8.28 14.97
CA CYS A 94 -2.55 7.92 15.49
C CYS A 94 -1.58 8.11 14.34
N THR A 95 -0.99 9.30 14.28
CA THR A 95 -0.25 9.81 13.10
C THR A 95 0.82 8.86 12.58
N LEU A 96 1.45 8.13 13.48
CA LEU A 96 2.54 7.20 13.12
C LEU A 96 2.09 5.83 12.60
N GLY A 97 0.79 5.54 12.67
CA GLY A 97 0.22 4.36 11.97
C GLY A 97 0.40 3.01 12.63
N GLU A 98 0.23 1.95 11.85
CA GLU A 98 0.35 0.56 12.33
C GLU A 98 1.68 0.31 13.04
N LEU A 99 1.61 -0.32 14.21
CA LEU A 99 2.79 -0.62 15.02
C LEU A 99 3.85 -1.43 14.31
N ARG A 100 3.43 -2.47 13.61
CA ARG A 100 4.32 -3.37 12.87
C ARG A 100 5.31 -2.64 11.97
N SER A 101 4.76 -1.83 11.06
CA SER A 101 5.57 -1.09 10.11
C SER A 101 6.51 -0.13 10.83
N PHE A 102 5.96 0.62 11.78
CA PHE A 102 6.71 1.52 12.64
C PHE A 102 7.91 0.85 13.31
N LEU A 103 7.76 -0.44 13.62
CA LEU A 103 8.82 -1.22 14.26
C LEU A 103 9.86 -1.71 13.26
N GLN A 104 9.39 -2.11 12.08
CA GLN A 104 10.24 -2.57 11.00
C GLN A 104 11.13 -1.44 10.50
N VAL A 105 10.56 -0.26 10.33
CA VAL A 105 11.27 0.91 9.85
C VAL A 105 12.28 1.42 10.88
N ARG A 106 11.87 1.47 12.14
CA ARG A 106 12.74 1.96 13.21
C ARG A 106 13.48 0.84 13.94
N LYS A 107 13.70 -0.26 13.21
CA LYS A 107 14.43 -1.44 13.70
C LYS A 107 15.71 -1.15 14.49
N TYR A 108 16.51 -0.20 13.99
CA TYR A 108 17.80 0.13 14.63
C TYR A 108 17.83 1.51 15.25
N SER A 109 16.69 2.19 15.31
CA SER A 109 16.63 3.49 15.98
C SER A 109 15.82 3.49 17.30
N LEU A 110 15.08 2.41 17.55
CA LEU A 110 14.27 2.29 18.76
C LEU A 110 14.95 1.46 19.83
N ASP A 111 15.21 2.10 20.97
CA ASP A 111 15.73 1.43 22.15
C ASP A 111 14.80 0.33 22.69
N LEU A 112 15.41 -0.62 23.40
CA LEU A 112 14.69 -1.68 24.08
C LEU A 112 13.68 -1.11 25.08
N ALA A 113 14.08 -0.04 25.77
CA ALA A 113 13.20 0.65 26.72
C ALA A 113 11.86 1.01 26.09
N SER A 114 11.88 1.46 24.85
CA SER A 114 10.67 1.86 24.14
C SER A 114 9.80 0.67 23.78
N LEU A 115 10.45 -0.44 23.41
CA LEU A 115 9.73 -1.67 23.08
C LEU A 115 8.92 -2.19 24.26
N ILE A 116 9.57 -2.23 25.43
CA ILE A 116 8.96 -2.72 26.65
C ILE A 116 7.89 -1.75 27.09
N LEU A 117 8.11 -0.48 26.84
CA LEU A 117 7.13 0.52 27.15
C LEU A 117 5.86 0.31 26.35
N TYR A 118 6.01 -0.08 25.08
CA TYR A 118 4.87 -0.40 24.22
C TYR A 118 4.12 -1.62 24.75
N ALA A 119 4.87 -2.68 25.11
CA ALA A 119 4.32 -3.86 25.78
C ALA A 119 3.57 -3.45 27.04
N TYR A 120 4.23 -2.63 27.88
CA TYR A 120 3.61 -2.13 29.10
C TYR A 120 2.34 -1.32 28.86
N GLN A 121 2.42 -0.36 27.93
CA GLN A 121 1.24 0.44 27.61
C GLN A 121 0.04 -0.40 27.14
N LEU A 122 0.32 -1.43 26.35
CA LEU A 122 -0.75 -2.33 25.91
C LEU A 122 -1.29 -3.20 27.03
N SER A 123 -0.44 -3.57 27.99
CA SER A 123 -0.89 -4.32 29.17
C SER A 123 -1.85 -3.48 30.03
N THR A 124 -1.69 -2.14 30.01
CA THR A 124 -2.60 -1.25 30.75
C THR A 124 -3.96 -1.18 30.05
N ALA A 125 -3.95 -1.09 28.72
CA ALA A 125 -5.19 -1.13 27.97
C ALA A 125 -5.91 -2.45 28.20
N LEU A 126 -5.16 -3.54 28.22
CA LEU A 126 -5.76 -4.87 28.29
C LEU A 126 -6.23 -5.23 29.70
N ALA A 127 -5.50 -4.77 30.72
CA ALA A 127 -5.96 -4.77 32.11
C ALA A 127 -7.29 -4.04 32.25
N TYR A 128 -7.38 -2.89 31.61
CA TYR A 128 -8.60 -2.13 31.61
C TYR A 128 -9.73 -2.89 30.94
N LEU A 129 -9.49 -3.47 29.78
CA LEU A 129 -10.53 -4.28 29.10
C LEU A 129 -10.90 -5.49 29.95
N GLU A 130 -9.90 -6.13 30.54
CA GLU A 130 -10.13 -7.23 31.46
C GLU A 130 -11.05 -6.83 32.60
N SER A 131 -10.86 -5.62 33.13
CA SER A 131 -11.67 -5.05 34.21
C SER A 131 -13.13 -4.88 33.79
N LYS A 132 -13.36 -4.69 32.48
CA LYS A 132 -14.72 -4.58 31.94
C LYS A 132 -15.25 -5.93 31.43
N ARG A 133 -14.49 -7.00 31.63
CA ARG A 133 -14.86 -8.32 31.15
C ARG A 133 -15.08 -8.33 29.61
N PHE A 134 -14.26 -7.54 28.92
CA PHE A 134 -14.27 -7.48 27.47
C PHE A 134 -13.14 -8.34 26.92
N VAL A 135 -13.50 -9.26 26.03
CA VAL A 135 -12.56 -10.17 25.40
C VAL A 135 -12.31 -9.67 23.99
N HIS A 136 -11.06 -9.34 23.69
CA HIS A 136 -10.71 -8.65 22.45
C HIS A 136 -10.67 -9.58 21.22
N ARG A 137 -10.02 -10.72 21.35
CA ARG A 137 -10.01 -11.79 20.32
C ARG A 137 -8.93 -11.70 19.29
N ASP A 138 -8.35 -10.52 19.11
CA ASP A 138 -7.25 -10.39 18.16
C ASP A 138 -6.16 -9.41 18.62
N ILE A 139 -5.40 -9.81 19.62
CA ILE A 139 -4.31 -8.98 20.09
C ILE A 139 -3.04 -9.33 19.29
N ALA A 140 -2.58 -8.37 18.52
CA ALA A 140 -1.55 -8.61 17.51
C ALA A 140 -0.97 -7.25 17.24
N ALA A 141 0.33 -7.20 16.92
CA ALA A 141 0.99 -5.94 16.57
C ALA A 141 0.27 -5.18 15.43
N ARG A 142 -0.23 -5.92 14.44
N ARG A 142 -0.23 -5.91 14.44
CA ARG A 142 -1.05 -5.35 13.34
CA ARG A 142 -1.04 -5.31 13.35
C ARG A 142 -2.26 -4.55 13.82
C ARG A 142 -2.25 -4.52 13.83
N ASN A 143 -2.68 -4.79 15.07
CA ASN A 143 -3.86 -4.13 15.62
C ASN A 143 -3.52 -3.01 16.59
N VAL A 144 -2.24 -2.67 16.67
CA VAL A 144 -1.80 -1.61 17.53
C VAL A 144 -1.40 -0.43 16.65
N LEU A 145 -1.82 0.76 17.07
CA LEU A 145 -1.46 1.99 16.41
C LEU A 145 -0.48 2.80 17.23
N VAL A 146 0.27 3.66 16.56
CA VAL A 146 1.35 4.40 17.19
C VAL A 146 0.96 5.87 17.17
N SER A 147 0.92 6.46 18.36
CA SER A 147 0.52 7.85 18.53
C SER A 147 1.73 8.77 18.50
N SER A 148 2.75 8.39 19.27
CA SER A 148 4.05 9.06 19.32
C SER A 148 5.11 8.00 19.59
N ASN A 149 6.39 8.40 19.61
CA ASN A 149 7.47 7.45 19.86
C ASN A 149 7.38 6.88 21.28
N ASP A 150 6.62 7.54 22.15
CA ASP A 150 6.38 7.04 23.51
C ASP A 150 4.90 6.73 23.81
N CYS A 151 4.11 6.45 22.76
CA CYS A 151 2.71 6.15 22.96
C CYS A 151 2.10 5.27 21.87
N VAL A 152 1.63 4.13 22.33
CA VAL A 152 1.06 3.09 21.52
C VAL A 152 -0.41 2.89 21.98
N LYS A 153 -1.29 2.50 21.07
CA LYS A 153 -2.72 2.39 21.35
C LYS A 153 -3.33 1.17 20.66
N LEU A 154 -4.14 0.44 21.41
CA LEU A 154 -4.93 -0.67 20.85
C LEU A 154 -6.00 -0.08 19.94
N GLY A 155 -6.22 -0.70 18.77
CA GLY A 155 -7.21 -0.14 17.84
C GLY A 155 -8.28 -1.02 17.24
N ASP A 156 -8.17 -2.34 17.41
CA ASP A 156 -8.94 -3.31 16.60
C ASP A 156 -10.23 -3.84 17.21
N PHE A 157 -11.33 -3.17 16.91
CA PHE A 157 -12.63 -3.72 17.24
C PHE A 157 -13.38 -4.02 15.93
N GLY A 158 -14.31 -4.96 15.95
CA GLY A 158 -14.96 -5.40 14.70
C GLY A 158 -14.20 -6.48 13.93
N LEU A 159 -12.96 -6.74 14.38
CA LEU A 159 -12.24 -8.01 14.15
C LEU A 159 -11.85 -8.50 12.74
N SER A 160 -11.67 -9.82 12.66
CA SER A 160 -10.83 -10.53 11.67
C SER A 160 -10.31 -9.74 10.46
N LEU A 176 -8.63 -17.70 11.52
CA LEU A 176 -7.59 -17.54 10.51
C LEU A 176 -6.21 -17.11 11.08
N PRO A 177 -6.16 -16.13 12.03
CA PRO A 177 -4.86 -15.78 12.63
C PRO A 177 -4.29 -16.85 13.58
N ILE A 178 -4.17 -18.07 13.06
CA ILE A 178 -3.74 -19.25 13.81
C ILE A 178 -2.46 -19.06 14.64
N LYS A 179 -1.48 -18.38 14.04
CA LYS A 179 -0.15 -18.22 14.65
C LYS A 179 -0.13 -17.28 15.86
N TRP A 180 -1.20 -16.49 16.03
CA TRP A 180 -1.41 -15.62 17.21
C TRP A 180 -2.34 -16.23 18.26
N MET A 181 -3.14 -17.23 17.87
CA MET A 181 -4.26 -17.73 18.69
C MET A 181 -3.90 -18.77 19.73
N ALA A 182 -4.62 -18.76 20.84
CA ALA A 182 -4.44 -19.76 21.88
C ALA A 182 -4.96 -21.10 21.36
N PRO A 183 -4.35 -22.22 21.78
CA PRO A 183 -4.81 -23.53 21.31
C PRO A 183 -6.34 -23.66 21.33
N GLU A 184 -6.95 -23.41 22.49
CA GLU A 184 -8.40 -23.52 22.67
C GLU A 184 -9.22 -22.66 21.71
N SER A 185 -8.64 -21.56 21.21
CA SER A 185 -9.30 -20.71 20.23
C SER A 185 -9.31 -21.33 18.81
N ILE A 186 -8.21 -21.99 18.47
CA ILE A 186 -8.01 -22.62 17.17
C ILE A 186 -8.92 -23.84 17.14
N ASN A 187 -8.74 -24.67 18.15
CA ASN A 187 -9.44 -25.93 18.28
C ASN A 187 -10.92 -25.78 18.55
N PHE A 188 -11.26 -25.24 19.72
CA PHE A 188 -12.64 -25.24 20.20
C PHE A 188 -13.37 -23.93 19.94
N ARG A 189 -12.71 -23.00 19.26
CA ARG A 189 -13.26 -21.65 19.03
C ARG A 189 -13.55 -20.87 20.33
N ARG A 190 -12.94 -21.28 21.43
CA ARG A 190 -13.13 -20.62 22.72
C ARG A 190 -12.28 -19.34 22.81
N PHE A 191 -12.95 -18.20 22.99
CA PHE A 191 -12.29 -16.91 23.17
C PHE A 191 -12.62 -16.35 24.54
N THR A 192 -11.58 -16.18 25.35
CA THR A 192 -11.70 -15.82 26.76
C THR A 192 -10.65 -14.78 27.15
N SER A 193 -10.75 -14.28 28.38
CA SER A 193 -9.71 -13.41 28.92
C SER A 193 -8.34 -14.12 28.84
N ALA A 194 -8.31 -15.41 29.19
CA ALA A 194 -7.06 -16.19 29.14
C ALA A 194 -6.48 -16.33 27.72
N SER A 195 -7.34 -16.34 26.69
CA SER A 195 -6.84 -16.44 25.30
C SER A 195 -6.26 -15.11 24.82
N ASP A 196 -6.84 -14.01 25.31
CA ASP A 196 -6.30 -12.70 25.05
C ASP A 196 -4.90 -12.60 25.60
N VAL A 197 -4.63 -13.23 26.75
CA VAL A 197 -3.29 -13.20 27.33
C VAL A 197 -2.26 -13.92 26.47
N TRP A 198 -2.66 -15.10 25.96
CA TRP A 198 -1.87 -15.87 24.99
C TRP A 198 -1.42 -15.02 23.80
N MET A 199 -2.39 -14.35 23.18
CA MET A 199 -2.18 -13.43 22.08
C MET A 199 -1.31 -12.21 22.45
N PHE A 200 -1.53 -11.65 23.64
CA PHE A 200 -0.67 -10.58 24.16
C PHE A 200 0.77 -11.06 24.28
N GLY A 201 0.96 -12.32 24.69
CA GLY A 201 2.28 -12.93 24.69
C GLY A 201 2.92 -12.85 23.30
N VAL A 202 2.15 -13.21 22.27
CA VAL A 202 2.60 -13.20 20.87
C VAL A 202 2.84 -11.75 20.43
N CYS A 203 1.94 -10.85 20.77
CA CYS A 203 2.14 -9.44 20.47
C CYS A 203 3.46 -8.89 21.07
N MET A 204 3.70 -9.16 22.35
CA MET A 204 4.99 -8.84 22.99
C MET A 204 6.19 -9.37 22.21
N TRP A 205 6.14 -10.65 21.83
CA TRP A 205 7.16 -11.25 20.97
C TRP A 205 7.35 -10.49 19.68
N GLU A 206 6.23 -10.15 19.00
CA GLU A 206 6.30 -9.35 17.77
C GLU A 206 7.00 -8.02 17.98
N ILE A 207 6.65 -7.32 19.06
CA ILE A 207 7.26 -6.03 19.37
C ILE A 207 8.78 -6.19 19.55
N LEU A 208 9.18 -7.21 20.30
CA LEU A 208 10.59 -7.45 20.57
C LEU A 208 11.32 -7.94 19.32
N MET A 209 10.55 -8.47 18.38
CA MET A 209 11.11 -8.92 17.12
C MET A 209 11.05 -7.84 16.04
N HIS A 210 10.81 -6.60 16.46
CA HIS A 210 10.79 -5.46 15.55
C HIS A 210 9.75 -5.59 14.41
N GLY A 211 8.58 -6.12 14.77
CA GLY A 211 7.46 -6.25 13.85
C GLY A 211 7.59 -7.46 12.93
N VAL A 212 8.42 -8.42 13.32
CA VAL A 212 8.47 -9.70 12.60
C VAL A 212 7.31 -10.61 13.03
N LYS A 213 6.68 -11.25 12.04
CA LYS A 213 5.58 -12.20 12.27
C LYS A 213 6.02 -13.52 12.89
N PRO A 214 5.19 -14.04 13.82
CA PRO A 214 5.44 -15.33 14.46
C PRO A 214 5.33 -16.51 13.51
N PHE A 215 6.17 -17.51 13.72
CA PHE A 215 6.11 -18.78 13.00
C PHE A 215 6.10 -18.58 11.47
N GLN A 216 6.85 -17.58 11.03
CA GLN A 216 6.91 -17.22 9.62
C GLN A 216 7.67 -18.30 8.85
N GLY A 217 7.01 -18.86 7.84
CA GLY A 217 7.57 -19.97 7.06
C GLY A 217 7.17 -21.34 7.57
N VAL A 218 6.20 -21.36 8.50
CA VAL A 218 5.67 -22.61 9.04
C VAL A 218 4.18 -22.65 8.68
N LYS A 219 3.69 -23.83 8.30
CA LYS A 219 2.27 -23.95 7.95
C LYS A 219 1.44 -23.85 9.23
N ASN A 220 0.29 -23.18 9.13
CA ASN A 220 -0.61 -23.05 10.28
C ASN A 220 -0.82 -24.37 11.04
N ASN A 221 -1.04 -25.45 10.31
CA ASN A 221 -1.18 -26.79 10.89
C ASN A 221 0.06 -27.34 11.58
N ASP A 222 1.25 -26.85 11.18
CA ASP A 222 2.50 -27.25 11.79
C ASP A 222 2.74 -26.52 13.11
N VAL A 223 2.31 -25.27 13.17
CA VAL A 223 2.32 -24.45 14.39
C VAL A 223 1.45 -25.13 15.47
N ILE A 224 0.25 -25.53 15.08
CA ILE A 224 -0.69 -26.23 15.96
C ILE A 224 -0.01 -27.42 16.66
N GLY A 225 0.64 -28.27 15.86
CA GLY A 225 1.31 -29.46 16.38
C GLY A 225 2.57 -29.17 17.18
N ARG A 226 3.30 -28.12 16.80
CA ARG A 226 4.48 -27.69 17.54
C ARG A 226 4.08 -27.22 18.95
N ILE A 227 3.12 -26.30 19.02
CA ILE A 227 2.59 -25.77 20.29
C ILE A 227 2.25 -26.91 21.25
N GLU A 228 1.51 -27.90 20.74
CA GLU A 228 1.11 -29.08 21.53
C GLU A 228 2.28 -29.95 21.98
N ASN A 229 3.44 -29.78 21.36
CA ASN A 229 4.65 -30.50 21.80
C ASN A 229 5.56 -29.70 22.73
N GLY A 230 5.06 -28.61 23.29
CA GLY A 230 5.84 -27.81 24.22
C GLY A 230 6.64 -26.71 23.56
N GLU A 231 6.66 -26.72 22.23
CA GLU A 231 7.45 -25.77 21.46
C GLU A 231 6.84 -24.37 21.47
N ARG A 232 7.69 -23.37 21.48
CA ARG A 232 7.26 -21.98 21.59
C ARG A 232 8.13 -21.09 20.69
N LEU A 233 7.69 -19.84 20.52
CA LEU A 233 8.46 -18.84 19.82
C LEU A 233 9.76 -18.64 20.58
N PRO A 234 10.91 -18.57 19.87
CA PRO A 234 12.20 -18.40 20.54
C PRO A 234 12.34 -17.04 21.15
N MET A 235 13.28 -16.91 22.08
CA MET A 235 13.58 -15.63 22.69
C MET A 235 14.12 -14.70 21.62
N PRO A 236 13.49 -13.53 21.43
CA PRO A 236 14.06 -12.54 20.53
C PRO A 236 15.49 -12.16 20.91
N PRO A 237 16.37 -11.98 19.91
CA PRO A 237 17.63 -11.31 20.16
C PRO A 237 17.41 -10.08 21.02
N ASN A 238 18.29 -9.87 22.00
CA ASN A 238 18.24 -8.69 22.87
C ASN A 238 16.99 -8.57 23.76
N CYS A 239 16.14 -9.58 23.74
CA CYS A 239 15.05 -9.65 24.71
C CYS A 239 15.65 -9.95 26.09
N PRO A 240 15.24 -9.21 27.13
CA PRO A 240 15.57 -9.60 28.49
C PRO A 240 15.03 -11.00 28.79
N PRO A 241 15.85 -11.86 29.41
CA PRO A 241 15.34 -13.17 29.86
C PRO A 241 14.12 -13.10 30.80
N THR A 242 14.00 -12.03 31.59
CA THR A 242 12.82 -11.82 32.46
C THR A 242 11.55 -11.60 31.62
N LEU A 243 11.71 -10.91 30.50
CA LEU A 243 10.59 -10.64 29.63
C LEU A 243 10.17 -11.85 28.81
N TYR A 244 11.14 -12.67 28.40
CA TYR A 244 10.82 -13.92 27.71
C TYR A 244 10.13 -14.94 28.61
N SER A 245 10.52 -14.96 29.89
CA SER A 245 9.87 -15.81 30.88
C SER A 245 8.39 -15.39 31.06
N LEU A 246 8.15 -14.09 31.14
CA LEU A 246 6.79 -13.56 31.15
C LEU A 246 5.99 -14.01 29.91
N MET A 247 6.56 -13.86 28.70
CA MET A 247 5.92 -14.37 27.47
C MET A 247 5.58 -15.87 27.59
N THR A 248 6.51 -16.63 28.17
CA THR A 248 6.37 -18.08 28.36
C THR A 248 5.15 -18.43 29.22
N LYS A 249 4.90 -17.62 30.25
CA LYS A 249 3.71 -17.77 31.09
C LYS A 249 2.42 -17.52 30.34
N CYS A 250 2.44 -16.55 29.44
CA CYS A 250 1.27 -16.22 28.62
C CYS A 250 0.92 -17.40 27.73
N TRP A 251 1.92 -18.25 27.48
CA TRP A 251 1.76 -19.37 26.57
C TRP A 251 1.65 -20.70 27.29
N ALA A 252 1.14 -20.68 28.52
CA ALA A 252 0.80 -21.94 29.19
C ALA A 252 -0.26 -22.61 28.34
N TYR A 253 -0.07 -23.88 28.00
CA TYR A 253 -1.06 -24.59 27.19
C TYR A 253 -2.44 -24.57 27.87
N ASP A 254 -2.42 -24.74 29.19
CA ASP A 254 -3.60 -24.72 30.02
C ASP A 254 -3.96 -23.27 30.32
N PRO A 255 -5.11 -22.80 29.81
CA PRO A 255 -5.46 -21.38 29.97
C PRO A 255 -5.50 -20.92 31.42
N SER A 256 -5.76 -21.83 32.35
CA SER A 256 -5.91 -21.47 33.76
C SER A 256 -4.57 -21.18 34.39
N ARG A 257 -3.51 -21.57 33.70
CA ARG A 257 -2.17 -21.35 34.21
C ARG A 257 -1.58 -20.01 33.71
N ARG A 258 -2.32 -19.36 32.82
CA ARG A 258 -1.91 -18.08 32.28
C ARG A 258 -2.14 -16.95 33.27
N PRO A 259 -1.21 -16.00 33.31
CA PRO A 259 -1.42 -14.86 34.18
C PRO A 259 -2.61 -14.00 33.71
N ARG A 260 -3.01 -13.08 34.57
CA ARG A 260 -3.98 -12.05 34.20
C ARG A 260 -3.27 -10.74 33.95
N PHE A 261 -3.99 -9.75 33.42
CA PHE A 261 -3.36 -8.52 33.02
C PHE A 261 -2.91 -7.63 34.18
N THR A 262 -3.52 -7.78 35.36
CA THR A 262 -3.02 -7.08 36.56
C THR A 262 -1.56 -7.44 36.85
N GLU A 263 -1.26 -8.75 36.84
CA GLU A 263 0.10 -9.28 37.03
C GLU A 263 1.04 -8.95 35.88
N LEU A 264 0.56 -9.03 34.65
CA LEU A 264 1.42 -8.73 33.48
C LEU A 264 1.86 -7.26 33.52
N LYS A 265 0.89 -6.38 33.74
CA LYS A 265 1.12 -4.95 33.92
C LYS A 265 2.19 -4.66 35.00
N ALA A 266 2.02 -5.25 36.18
CA ALA A 266 2.95 -5.05 37.29
C ALA A 266 4.33 -5.55 36.96
N GLN A 267 4.41 -6.71 36.33
CA GLN A 267 5.71 -7.24 35.93
C GLN A 267 6.40 -6.48 34.78
N LEU A 268 5.61 -5.99 33.83
CA LEU A 268 6.17 -5.17 32.73
C LEU A 268 6.70 -3.82 33.24
N SER A 269 6.00 -3.24 34.21
CA SER A 269 6.39 -2.02 34.88
C SER A 269 7.79 -2.18 35.52
N THR A 270 7.97 -3.33 36.14
CA THR A 270 9.19 -3.72 36.80
C THR A 270 10.29 -4.07 35.80
N ILE A 271 9.95 -4.78 34.72
CA ILE A 271 10.92 -5.02 33.66
C ILE A 271 11.39 -3.71 32.99
N LEU A 272 10.46 -2.77 32.85
CA LEU A 272 10.74 -1.48 32.24
C LEU A 272 11.73 -0.62 33.04
N GLU A 273 11.48 -0.51 34.35
CA GLU A 273 12.35 0.26 35.25
C GLU A 273 13.79 -0.25 35.21
N GLU A 274 13.95 -1.58 35.20
CA GLU A 274 15.25 -2.22 35.20
C GLU A 274 16.02 -2.07 33.88
N GLU A 275 15.30 -1.89 32.78
CA GLU A 275 15.93 -1.61 31.49
C GLU A 275 16.37 -0.14 31.41
N LYS A 276 15.59 0.73 32.05
CA LYS A 276 15.94 2.15 32.16
C LYS A 276 17.18 2.38 33.04
N ALA A 277 17.27 1.64 34.15
CA ALA A 277 18.47 1.63 35.00
C ALA A 277 19.66 0.88 34.38
N GLN A 278 19.41 0.04 33.37
CA GLN A 278 20.46 -0.76 32.72
C GLN A 278 21.38 0.07 31.82
N GLN A 279 21.09 1.36 31.69
CA GLN A 279 21.95 2.28 30.95
C GLN A 279 21.88 3.70 31.52
N GLU A 280 22.42 3.87 32.73
CA GLU A 280 22.42 5.17 33.41
C GLU A 280 23.72 5.47 34.14
N ASP B 6 24.54 -9.53 -23.24
CA ASP B 6 23.62 -10.57 -22.68
C ASP B 6 23.32 -10.32 -21.20
N TYR B 7 22.10 -10.63 -20.80
CA TYR B 7 21.58 -10.22 -19.49
C TYR B 7 21.30 -11.37 -18.53
N GLU B 8 21.76 -12.57 -18.88
CA GLU B 8 21.64 -13.72 -18.00
C GLU B 8 22.29 -13.45 -16.64
N ILE B 9 21.52 -13.62 -15.58
CA ILE B 9 22.00 -13.50 -14.20
C ILE B 9 21.93 -14.87 -13.53
N GLN B 10 22.86 -15.17 -12.63
CA GLN B 10 22.79 -16.41 -11.85
C GLN B 10 21.91 -16.19 -10.62
N ARG B 11 21.03 -17.15 -10.34
CA ARG B 11 19.96 -17.02 -9.33
C ARG B 11 20.39 -16.76 -7.88
N GLU B 12 21.66 -17.02 -7.57
CA GLU B 12 22.17 -16.88 -6.20
C GLU B 12 22.50 -15.44 -5.84
N ARG B 13 22.65 -14.62 -6.86
CA ARG B 13 22.84 -13.19 -6.68
C ARG B 13 21.51 -12.46 -6.39
N ILE B 14 20.41 -13.19 -6.48
CA ILE B 14 19.06 -12.63 -6.31
C ILE B 14 18.42 -13.12 -5.03
N GLU B 15 18.16 -12.17 -4.14
CA GLU B 15 17.43 -12.43 -2.91
C GLU B 15 15.97 -11.98 -3.11
N LEU B 16 15.07 -12.97 -3.24
CA LEU B 16 13.65 -12.71 -3.53
C LEU B 16 12.90 -12.19 -2.30
N GLY B 17 12.28 -11.02 -2.44
CA GLY B 17 11.58 -10.39 -1.35
C GLY B 17 10.10 -10.64 -1.43
N ARG B 18 9.34 -9.76 -0.81
CA ARG B 18 7.88 -9.83 -0.77
C ARG B 18 7.22 -9.58 -2.14
N CYS B 19 5.98 -10.02 -2.28
CA CYS B 19 5.20 -9.76 -3.47
C CYS B 19 4.71 -8.30 -3.46
N ILE B 20 4.88 -7.63 -4.59
CA ILE B 20 4.54 -6.21 -4.73
C ILE B 20 3.54 -5.99 -5.84
N GLY B 21 3.10 -7.09 -6.47
CA GLY B 21 2.12 -6.99 -7.53
C GLY B 21 1.89 -8.29 -8.25
N GLU B 22 0.93 -8.27 -9.15
CA GLU B 22 0.58 -9.43 -9.93
C GLU B 22 0.57 -9.06 -11.40
N GLY B 23 1.36 -9.78 -12.19
CA GLY B 23 1.38 -9.56 -13.62
C GLY B 23 0.44 -10.52 -14.30
N GLN B 24 0.38 -10.43 -15.63
CA GLN B 24 -0.38 -11.36 -16.45
C GLN B 24 0.23 -12.76 -16.38
N PHE B 25 1.54 -12.82 -16.19
CA PHE B 25 2.30 -14.07 -16.21
C PHE B 25 2.56 -14.70 -14.84
N GLY B 26 2.39 -13.92 -13.77
CA GLY B 26 2.78 -14.36 -12.44
C GLY B 26 3.00 -13.19 -11.51
N ASP B 27 3.30 -13.47 -10.24
CA ASP B 27 3.53 -12.41 -9.27
C ASP B 27 4.82 -11.66 -9.55
N VAL B 28 4.82 -10.38 -9.21
CA VAL B 28 6.01 -9.55 -9.25
C VAL B 28 6.45 -9.38 -7.81
N HIS B 29 7.73 -9.59 -7.54
CA HIS B 29 8.32 -9.43 -6.21
C HIS B 29 9.34 -8.29 -6.21
N GLN B 30 9.46 -7.60 -5.07
CA GLN B 30 10.63 -6.77 -4.87
C GLN B 30 11.70 -7.72 -4.37
N GLY B 31 12.94 -7.32 -4.49
CA GLY B 31 14.01 -8.18 -4.08
C GLY B 31 15.30 -7.42 -4.13
N ILE B 32 16.39 -8.16 -4.08
CA ILE B 32 17.69 -7.53 -4.04
C ILE B 32 18.73 -8.34 -4.81
N TYR B 33 19.53 -7.62 -5.58
CA TYR B 33 20.51 -8.21 -6.47
C TYR B 33 21.92 -7.77 -6.08
N MET B 34 22.78 -8.72 -5.72
CA MET B 34 24.20 -8.42 -5.50
C MET B 34 25.05 -8.92 -6.65
N SER B 35 25.72 -7.98 -7.31
CA SER B 35 26.57 -8.27 -8.47
C SER B 35 28.04 -8.30 -8.03
N PRO B 36 28.92 -8.90 -8.87
CA PRO B 36 30.38 -8.84 -8.62
C PRO B 36 30.83 -7.41 -8.36
N GLU B 37 30.47 -6.49 -9.26
CA GLU B 37 30.71 -5.07 -9.05
C GLU B 37 29.45 -4.46 -8.45
N ASN B 38 29.51 -3.18 -8.08
CA ASN B 38 28.34 -2.43 -7.57
C ASN B 38 27.82 -2.89 -6.19
N PRO B 39 27.40 -1.90 -5.37
CA PRO B 39 26.61 -2.16 -4.17
C PRO B 39 25.31 -2.90 -4.51
N ALA B 40 24.91 -3.82 -3.63
CA ALA B 40 23.65 -4.55 -3.75
C ALA B 40 22.48 -3.62 -4.06
N LEU B 41 21.57 -4.10 -4.91
CA LEU B 41 20.56 -3.25 -5.55
C LEU B 41 19.16 -3.76 -5.30
N ALA B 42 18.29 -2.87 -4.83
CA ALA B 42 16.87 -3.16 -4.72
C ALA B 42 16.35 -3.29 -6.14
N VAL B 43 15.62 -4.36 -6.42
CA VAL B 43 15.16 -4.67 -7.78
C VAL B 43 13.75 -5.22 -7.78
N ALA B 44 13.11 -5.18 -8.94
CA ALA B 44 11.83 -5.86 -9.10
C ALA B 44 12.07 -7.16 -9.84
N ILE B 45 11.35 -8.20 -9.43
CA ILE B 45 11.47 -9.52 -10.02
C ILE B 45 10.10 -9.96 -10.48
N LYS B 46 9.97 -10.13 -11.79
CA LYS B 46 8.75 -10.62 -12.39
C LYS B 46 8.90 -12.12 -12.62
N THR B 47 7.96 -12.88 -12.06
CA THR B 47 7.96 -14.33 -12.21
C THR B 47 6.92 -14.79 -13.25
N CYS B 48 7.02 -16.07 -13.62
CA CYS B 48 6.19 -16.65 -14.66
C CYS B 48 5.79 -18.07 -14.21
N LYS B 49 4.52 -18.27 -13.85
CA LYS B 49 4.09 -19.61 -13.38
C LYS B 49 3.83 -20.64 -14.49
N ASN B 50 3.55 -20.18 -15.71
CA ASN B 50 3.35 -21.06 -16.86
C ASN B 50 4.59 -21.26 -17.73
N CYS B 51 5.73 -20.71 -17.29
CA CYS B 51 6.93 -20.68 -18.15
C CYS B 51 7.65 -22.02 -18.32
N THR B 52 6.99 -23.11 -17.95
CA THR B 52 7.41 -24.44 -18.40
C THR B 52 6.93 -24.65 -19.85
N SER B 53 5.93 -23.88 -20.27
CA SER B 53 5.54 -23.81 -21.68
C SER B 53 6.46 -22.88 -22.48
N ASP B 54 7.00 -23.41 -23.59
CA ASP B 54 7.95 -22.71 -24.46
C ASP B 54 7.33 -21.48 -25.14
N SER B 55 6.10 -21.64 -25.61
CA SER B 55 5.32 -20.54 -26.19
C SER B 55 5.19 -19.39 -25.17
N VAL B 56 4.73 -19.71 -23.96
CA VAL B 56 4.57 -18.75 -22.87
C VAL B 56 5.89 -18.08 -22.48
N ARG B 57 6.95 -18.89 -22.36
CA ARG B 57 8.28 -18.42 -22.00
C ARG B 57 8.78 -17.36 -22.99
N GLU B 58 8.71 -17.69 -24.28
CA GLU B 58 9.08 -16.76 -25.34
C GLU B 58 8.32 -15.43 -25.24
N LYS B 59 7.04 -15.49 -24.87
CA LYS B 59 6.19 -14.30 -24.73
C LYS B 59 6.59 -13.46 -23.51
N PHE B 60 6.70 -14.13 -22.36
CA PHE B 60 7.18 -13.56 -21.12
C PHE B 60 8.52 -12.83 -21.31
N LEU B 61 9.48 -13.53 -21.92
CA LEU B 61 10.84 -13.03 -22.09
C LEU B 61 10.95 -11.92 -23.12
N GLN B 62 9.96 -11.82 -24.00
CA GLN B 62 9.93 -10.78 -25.05
C GLN B 62 9.89 -9.37 -24.42
N GLU B 63 9.29 -9.25 -23.25
CA GLU B 63 9.36 -8.00 -22.50
C GLU B 63 10.79 -7.56 -22.28
N ALA B 64 11.64 -8.52 -21.89
CA ALA B 64 13.04 -8.27 -21.58
C ALA B 64 13.87 -8.04 -22.82
N LEU B 65 13.61 -8.81 -23.87
CA LEU B 65 14.15 -8.56 -25.20
C LEU B 65 13.89 -7.10 -25.62
N THR B 66 12.65 -6.65 -25.38
CA THR B 66 12.23 -5.29 -25.75
C THR B 66 12.91 -4.24 -24.86
N MET B 67 12.87 -4.46 -23.55
CA MET B 67 13.43 -3.52 -22.58
C MET B 67 14.94 -3.31 -22.73
N ARG B 68 15.62 -4.38 -23.16
CA ARG B 68 17.06 -4.42 -23.44
C ARG B 68 17.45 -3.33 -24.44
N GLN B 69 16.57 -3.09 -25.40
CA GLN B 69 16.83 -2.10 -26.44
C GLN B 69 16.88 -0.66 -25.94
N PHE B 70 16.36 -0.40 -24.73
CA PHE B 70 16.19 0.99 -24.27
C PHE B 70 17.05 1.39 -23.06
N ASP B 71 17.43 2.66 -23.02
CA ASP B 71 18.19 3.18 -21.89
C ASP B 71 17.83 4.63 -21.78
N HIS B 72 16.96 4.94 -20.83
CA HIS B 72 16.47 6.30 -20.68
C HIS B 72 16.01 6.54 -19.23
N PRO B 73 16.26 7.74 -18.68
CA PRO B 73 15.95 7.98 -17.25
C PRO B 73 14.49 7.77 -16.82
N HIS B 74 13.55 7.83 -17.76
CA HIS B 74 12.13 7.65 -17.45
C HIS B 74 11.54 6.44 -18.11
N ILE B 75 12.38 5.46 -18.35
CA ILE B 75 11.97 4.13 -18.82
C ILE B 75 12.62 3.13 -17.88
N VAL B 76 11.79 2.29 -17.26
CA VAL B 76 12.27 1.22 -16.39
C VAL B 76 13.34 0.40 -17.13
N LYS B 77 14.43 0.16 -16.42
CA LYS B 77 15.60 -0.50 -16.94
C LYS B 77 15.61 -2.00 -16.62
N LEU B 78 16.00 -2.79 -17.61
CA LEU B 78 16.23 -4.20 -17.46
C LEU B 78 17.56 -4.40 -16.76
N ILE B 79 17.56 -5.12 -15.64
CA ILE B 79 18.81 -5.52 -14.98
C ILE B 79 19.28 -6.86 -15.55
N GLY B 80 18.37 -7.83 -15.61
CA GLY B 80 18.68 -9.09 -16.28
C GLY B 80 17.54 -10.09 -16.28
N VAL B 81 17.83 -11.31 -16.73
CA VAL B 81 16.87 -12.41 -16.78
C VAL B 81 17.50 -13.68 -16.23
N ILE B 82 16.67 -14.58 -15.70
CA ILE B 82 17.13 -15.92 -15.34
C ILE B 82 16.34 -16.89 -16.19
N THR B 83 16.98 -17.46 -17.21
CA THR B 83 16.23 -18.23 -18.20
C THR B 83 16.02 -19.70 -17.86
N GLU B 84 16.47 -20.11 -16.67
CA GLU B 84 16.13 -21.43 -16.13
C GLU B 84 14.92 -21.29 -15.21
N ASN B 85 14.14 -22.35 -15.07
CA ASN B 85 12.91 -22.32 -14.29
C ASN B 85 13.15 -22.32 -12.77
N PRO B 86 12.39 -21.49 -12.04
CA PRO B 86 11.39 -20.54 -12.52
C PRO B 86 12.03 -19.38 -13.28
N VAL B 87 11.45 -19.04 -14.44
CA VAL B 87 12.00 -17.99 -15.29
C VAL B 87 11.69 -16.62 -14.66
N TRP B 88 12.72 -15.79 -14.50
CA TRP B 88 12.57 -14.46 -13.88
C TRP B 88 13.04 -13.34 -14.79
N ILE B 89 12.39 -12.17 -14.67
CA ILE B 89 12.94 -10.96 -15.26
C ILE B 89 13.25 -10.02 -14.09
N ILE B 90 14.48 -9.52 -14.06
CA ILE B 90 14.95 -8.59 -13.03
C ILE B 90 15.05 -7.18 -13.64
N MET B 91 14.37 -6.23 -13.02
CA MET B 91 14.38 -4.87 -13.51
C MET B 91 14.55 -3.91 -12.33
N GLU B 92 14.77 -2.63 -12.63
CA GLU B 92 14.88 -1.64 -11.57
C GLU B 92 13.58 -1.57 -10.77
N LEU B 93 13.72 -1.33 -9.47
CA LEU B 93 12.59 -1.24 -8.58
C LEU B 93 12.15 0.20 -8.61
N CYS B 94 10.87 0.41 -8.92
CA CYS B 94 10.24 1.70 -8.72
C CYS B 94 9.44 1.57 -7.41
N THR B 95 10.03 2.03 -6.30
CA THR B 95 9.51 1.72 -4.97
C THR B 95 8.10 2.20 -4.73
N LEU B 96 7.73 3.34 -5.31
CA LEU B 96 6.38 3.86 -5.08
C LEU B 96 5.28 3.25 -5.95
N GLY B 97 5.62 2.22 -6.72
CA GLY B 97 4.62 1.42 -7.42
C GLY B 97 3.93 2.12 -8.57
N GLU B 98 2.72 1.66 -8.91
CA GLU B 98 1.96 2.12 -10.07
C GLU B 98 1.54 3.56 -9.93
N LEU B 99 1.54 4.29 -11.03
CA LEU B 99 1.18 5.70 -11.00
C LEU B 99 -0.27 5.98 -10.57
N ARG B 100 -1.22 5.20 -11.05
CA ARG B 100 -2.64 5.39 -10.68
C ARG B 100 -2.87 5.42 -9.19
N SER B 101 -2.43 4.34 -8.52
CA SER B 101 -2.55 4.22 -7.08
C SER B 101 -1.76 5.29 -6.37
N PHE B 102 -0.59 5.62 -6.89
CA PHE B 102 0.18 6.72 -6.35
C PHE B 102 -0.66 8.00 -6.35
N LEU B 103 -1.29 8.30 -7.50
CA LEU B 103 -2.08 9.51 -7.67
C LEU B 103 -3.38 9.51 -6.85
N GLN B 104 -4.02 8.35 -6.75
CA GLN B 104 -5.27 8.21 -6.00
C GLN B 104 -5.12 8.39 -4.49
N VAL B 105 -4.02 7.88 -3.94
CA VAL B 105 -3.63 8.08 -2.55
C VAL B 105 -3.32 9.55 -2.27
N ARG B 106 -2.84 10.27 -3.29
CA ARG B 106 -2.32 11.61 -3.07
C ARG B 106 -3.03 12.73 -3.82
N LYS B 107 -4.32 12.54 -4.12
CA LYS B 107 -5.08 13.55 -4.86
C LYS B 107 -5.03 14.96 -4.23
N TYR B 108 -4.72 15.02 -2.94
CA TYR B 108 -4.67 16.28 -2.20
C TYR B 108 -3.24 16.73 -1.91
N SER B 109 -2.34 15.76 -1.90
CA SER B 109 -0.91 15.99 -1.64
C SER B 109 -0.17 16.36 -2.93
N LEU B 110 -0.76 16.01 -4.07
CA LEU B 110 -0.10 16.26 -5.34
C LEU B 110 -0.60 17.53 -6.00
N ASP B 111 0.28 18.54 -5.99
CA ASP B 111 -0.02 19.81 -6.63
C ASP B 111 0.11 19.68 -8.15
N LEU B 112 -0.27 20.76 -8.84
CA LEU B 112 -0.37 20.76 -10.29
C LEU B 112 0.99 20.59 -10.94
N ALA B 113 2.00 21.27 -10.41
CA ALA B 113 3.33 21.24 -10.95
C ALA B 113 3.91 19.83 -10.96
N SER B 114 3.54 19.05 -9.94
CA SER B 114 3.96 17.65 -9.86
C SER B 114 3.30 16.81 -10.95
N LEU B 115 1.99 16.98 -11.11
CA LEU B 115 1.25 16.27 -12.14
C LEU B 115 1.76 16.58 -13.55
N ILE B 116 2.06 17.86 -13.81
CA ILE B 116 2.58 18.30 -15.11
C ILE B 116 4.00 17.73 -15.33
N LEU B 117 4.77 17.68 -14.24
CA LEU B 117 6.09 17.09 -14.27
C LEU B 117 6.06 15.62 -14.75
N TYR B 118 5.18 14.82 -14.19
CA TYR B 118 5.03 13.42 -14.61
C TYR B 118 4.60 13.27 -16.09
N ALA B 119 3.67 14.10 -16.55
CA ALA B 119 3.29 14.12 -17.97
C ALA B 119 4.52 14.48 -18.83
N TYR B 120 5.26 15.50 -18.40
CA TYR B 120 6.51 15.88 -19.07
C TYR B 120 7.54 14.75 -19.13
N GLN B 121 7.80 14.12 -17.99
CA GLN B 121 8.78 13.04 -17.92
C GLN B 121 8.39 11.86 -18.81
N LEU B 122 7.11 11.56 -18.80
CA LEU B 122 6.56 10.53 -19.67
C LEU B 122 6.73 10.89 -21.14
N SER B 123 6.56 12.16 -21.49
CA SER B 123 6.77 12.63 -22.86
C SER B 123 8.24 12.56 -23.28
N THR B 124 9.16 12.72 -22.33
CA THR B 124 10.57 12.49 -22.63
C THR B 124 10.85 11.01 -22.94
N ALA B 125 10.23 10.10 -22.17
CA ALA B 125 10.34 8.66 -22.43
C ALA B 125 9.78 8.33 -23.81
N LEU B 126 8.64 8.92 -24.13
CA LEU B 126 7.94 8.63 -25.39
C LEU B 126 8.59 9.24 -26.60
N ALA B 127 9.17 10.44 -26.45
CA ALA B 127 10.01 11.04 -27.50
C ALA B 127 11.20 10.15 -27.80
N TYR B 128 11.81 9.63 -26.73
CA TYR B 128 12.91 8.71 -26.87
C TYR B 128 12.50 7.43 -27.59
N LEU B 129 11.35 6.86 -27.24
CA LEU B 129 10.87 5.66 -27.91
C LEU B 129 10.55 5.93 -29.37
N GLU B 130 9.92 7.08 -29.61
CA GLU B 130 9.62 7.53 -30.96
C GLU B 130 10.90 7.62 -31.79
N SER B 131 11.96 8.17 -31.18
CA SER B 131 13.24 8.30 -31.83
C SER B 131 13.83 6.96 -32.25
N LYS B 132 13.32 5.87 -31.67
CA LYS B 132 13.75 4.51 -31.94
C LYS B 132 12.70 3.77 -32.75
N ARG B 133 11.68 4.50 -33.18
CA ARG B 133 10.58 3.98 -33.99
C ARG B 133 9.89 2.78 -33.31
N PHE B 134 9.79 2.88 -31.99
CA PHE B 134 9.11 1.87 -31.19
C PHE B 134 7.73 2.39 -30.88
N VAL B 135 6.73 1.58 -31.24
CA VAL B 135 5.34 1.87 -30.99
C VAL B 135 4.91 1.09 -29.75
N HIS B 136 4.47 1.80 -28.72
CA HIS B 136 4.21 1.19 -27.42
C HIS B 136 2.87 0.43 -27.41
N ARG B 137 1.79 1.09 -27.82
CA ARG B 137 0.47 0.45 -27.95
C ARG B 137 -0.37 0.35 -26.66
N ASP B 138 0.18 0.75 -25.52
CA ASP B 138 -0.52 0.59 -24.24
C ASP B 138 -0.05 1.67 -23.27
N ILE B 139 -0.14 2.92 -23.70
CA ILE B 139 0.21 4.04 -22.84
C ILE B 139 -1.01 4.38 -21.98
N ALA B 140 -0.84 4.30 -20.67
CA ALA B 140 -1.89 4.52 -19.68
C ALA B 140 -1.23 4.68 -18.32
N ALA B 141 -1.89 5.35 -17.37
CA ALA B 141 -1.29 5.60 -16.05
C ALA B 141 -0.90 4.31 -15.33
N ARG B 142 -1.67 3.26 -15.55
N ARG B 142 -1.67 3.25 -15.56
CA ARG B 142 -1.41 1.93 -14.98
CA ARG B 142 -1.40 1.93 -14.97
C ARG B 142 -0.07 1.32 -15.42
C ARG B 142 -0.09 1.30 -15.44
N ASN B 143 0.45 1.78 -16.56
CA ASN B 143 1.69 1.25 -17.11
C ASN B 143 2.89 2.13 -16.79
N VAL B 144 2.67 3.09 -15.92
CA VAL B 144 3.70 3.98 -15.45
C VAL B 144 4.02 3.64 -14.01
N LEU B 145 5.30 3.65 -13.67
CA LEU B 145 5.75 3.35 -12.31
C LEU B 145 6.42 4.55 -11.69
N VAL B 146 6.37 4.65 -10.35
CA VAL B 146 6.91 5.82 -9.65
C VAL B 146 8.18 5.44 -8.88
N SER B 147 9.31 6.01 -9.27
CA SER B 147 10.58 5.83 -8.56
C SER B 147 10.68 6.72 -7.32
N SER B 148 10.15 7.92 -7.43
CA SER B 148 10.19 8.88 -6.35
C SER B 148 9.11 9.91 -6.63
N ASN B 149 8.87 10.79 -5.65
CA ASN B 149 7.86 11.85 -5.77
C ASN B 149 8.05 12.78 -6.97
N ASP B 150 9.27 12.84 -7.50
CA ASP B 150 9.56 13.66 -8.68
C ASP B 150 10.16 12.86 -9.85
N CYS B 151 9.84 11.57 -9.93
CA CYS B 151 10.35 10.73 -11.02
C CYS B 151 9.41 9.58 -11.32
N VAL B 152 8.78 9.63 -12.49
CA VAL B 152 8.02 8.50 -13.02
C VAL B 152 8.78 7.83 -14.18
N LYS B 153 8.53 6.52 -14.35
CA LYS B 153 9.12 5.70 -15.40
C LYS B 153 8.07 4.90 -16.13
N LEU B 154 8.17 4.91 -17.45
CA LEU B 154 7.32 4.09 -18.28
C LEU B 154 7.71 2.63 -18.15
N GLY B 155 6.74 1.79 -17.83
CA GLY B 155 6.93 0.35 -17.89
C GLY B 155 6.14 -0.31 -19.00
N ASP B 156 6.01 -1.63 -18.90
CA ASP B 156 5.15 -2.43 -19.76
C ASP B 156 5.57 -2.50 -21.23
N PHE B 157 6.53 -3.37 -21.52
CA PHE B 157 7.09 -3.45 -22.85
C PHE B 157 6.87 -4.80 -23.55
N GLY B 158 6.69 -4.80 -24.88
CA GLY B 158 6.37 -3.60 -25.67
C GLY B 158 5.00 -3.14 -25.21
N LEU B 159 4.08 -4.09 -25.20
CA LEU B 159 2.92 -4.08 -24.33
C LEU B 159 2.85 -5.49 -23.72
N SER B 160 3.41 -6.45 -24.47
CA SER B 160 3.44 -7.89 -24.14
C SER B 160 2.11 -8.46 -23.63
N LEU B 176 -8.02 -4.84 -26.06
CA LEU B 176 -8.67 -4.63 -24.75
C LEU B 176 -8.58 -3.19 -24.17
N PRO B 177 -7.43 -2.46 -24.35
CA PRO B 177 -7.35 -1.10 -23.76
C PRO B 177 -8.16 -0.05 -24.52
N ILE B 178 -9.40 -0.41 -24.83
CA ILE B 178 -10.31 0.35 -25.69
C ILE B 178 -10.42 1.83 -25.35
N LYS B 179 -10.59 2.14 -24.07
CA LYS B 179 -10.83 3.53 -23.62
C LYS B 179 -9.61 4.45 -23.70
N TRP B 180 -8.47 3.86 -24.06
CA TRP B 180 -7.23 4.61 -24.28
C TRP B 180 -6.86 4.71 -25.77
N MET B 181 -7.44 3.83 -26.57
CA MET B 181 -7.05 3.63 -27.97
C MET B 181 -7.48 4.72 -28.94
N ALA B 182 -6.63 4.98 -29.91
CA ALA B 182 -6.95 5.88 -31.03
C ALA B 182 -8.11 5.28 -31.82
N PRO B 183 -8.94 6.13 -32.48
CA PRO B 183 -10.06 5.61 -33.27
C PRO B 183 -9.64 4.59 -34.34
N GLU B 184 -8.59 4.90 -35.09
CA GLU B 184 -7.98 3.96 -36.03
C GLU B 184 -7.53 2.64 -35.45
N SER B 185 -7.10 2.63 -34.18
CA SER B 185 -6.71 1.40 -33.49
C SER B 185 -7.95 0.57 -33.13
N ILE B 186 -9.01 1.25 -32.72
CA ILE B 186 -10.30 0.59 -32.45
C ILE B 186 -10.90 0.10 -33.77
N ASN B 187 -11.17 1.03 -34.68
CA ASN B 187 -11.75 0.75 -35.98
C ASN B 187 -10.96 -0.24 -36.82
N PHE B 188 -9.63 -0.07 -36.92
CA PHE B 188 -8.85 -0.85 -37.88
C PHE B 188 -7.71 -1.66 -37.30
N ARG B 189 -7.52 -1.58 -36.00
CA ARG B 189 -6.34 -2.19 -35.34
C ARG B 189 -4.97 -1.63 -35.82
N ARG B 190 -4.98 -0.42 -36.38
CA ARG B 190 -3.76 0.31 -36.74
C ARG B 190 -3.12 0.93 -35.48
N PHE B 191 -1.93 0.44 -35.13
CA PHE B 191 -1.11 1.04 -34.09
C PHE B 191 0.15 1.68 -34.70
N THR B 192 0.26 3.00 -34.53
CA THR B 192 1.37 3.75 -35.10
C THR B 192 1.89 4.71 -34.05
N SER B 193 2.94 5.45 -34.42
CA SER B 193 3.47 6.52 -33.58
C SER B 193 2.36 7.48 -33.20
N ALA B 194 1.46 7.73 -34.15
CA ALA B 194 0.36 8.64 -33.97
C ALA B 194 -0.70 8.14 -32.99
N SER B 195 -0.99 6.85 -32.99
CA SER B 195 -1.95 6.30 -32.03
C SER B 195 -1.37 6.30 -30.62
N ASP B 196 -0.04 6.19 -30.51
CA ASP B 196 0.62 6.32 -29.24
C ASP B 196 0.38 7.71 -28.65
N VAL B 197 0.38 8.72 -29.51
CA VAL B 197 0.15 10.11 -29.09
C VAL B 197 -1.29 10.30 -28.57
N TRP B 198 -2.26 9.71 -29.26
CA TRP B 198 -3.62 9.67 -28.71
C TRP B 198 -3.62 9.04 -27.30
N MET B 199 -2.99 7.88 -27.14
CA MET B 199 -2.97 7.23 -25.82
C MET B 199 -2.29 8.11 -24.75
N PHE B 200 -1.17 8.72 -25.12
CA PHE B 200 -0.51 9.68 -24.24
C PHE B 200 -1.45 10.80 -23.80
N GLY B 201 -2.26 11.33 -24.70
CA GLY B 201 -3.22 12.36 -24.34
C GLY B 201 -4.17 11.86 -23.24
N VAL B 202 -4.60 10.61 -23.34
CA VAL B 202 -5.47 10.00 -22.35
C VAL B 202 -4.73 9.75 -21.01
N CYS B 203 -3.51 9.24 -21.09
CA CYS B 203 -2.69 9.09 -19.90
C CYS B 203 -2.52 10.44 -19.20
N MET B 204 -2.25 11.51 -19.96
CA MET B 204 -2.20 12.89 -19.41
C MET B 204 -3.48 13.28 -18.68
N TRP B 205 -4.61 13.01 -19.30
CA TRP B 205 -5.89 13.20 -18.66
C TRP B 205 -5.96 12.44 -17.33
N GLU B 206 -5.64 11.14 -17.35
CA GLU B 206 -5.56 10.31 -16.14
C GLU B 206 -4.76 10.95 -15.02
N ILE B 207 -3.54 11.37 -15.35
CA ILE B 207 -2.67 12.07 -14.41
C ILE B 207 -3.33 13.34 -13.81
N LEU B 208 -3.97 14.13 -14.66
CA LEU B 208 -4.65 15.33 -14.18
C LEU B 208 -5.91 15.05 -13.36
N MET B 209 -6.53 13.89 -13.59
CA MET B 209 -7.69 13.45 -12.84
C MET B 209 -7.31 12.64 -11.61
N HIS B 210 -6.02 12.60 -11.28
CA HIS B 210 -5.52 11.87 -10.11
C HIS B 210 -5.76 10.38 -10.18
N GLY B 211 -5.60 9.79 -11.36
CA GLY B 211 -5.72 8.35 -11.51
C GLY B 211 -7.15 7.88 -11.72
N VAL B 212 -8.04 8.78 -12.09
CA VAL B 212 -9.40 8.39 -12.48
C VAL B 212 -9.35 7.78 -13.90
N LYS B 213 -10.06 6.67 -14.08
CA LYS B 213 -10.12 5.97 -15.35
C LYS B 213 -10.97 6.74 -16.35
N PRO B 214 -10.52 6.79 -17.64
CA PRO B 214 -11.31 7.45 -18.67
C PRO B 214 -12.61 6.72 -18.93
N PHE B 215 -13.67 7.48 -19.22
CA PHE B 215 -14.95 6.89 -19.64
C PHE B 215 -15.51 5.87 -18.63
N GLN B 216 -15.60 6.25 -17.35
CA GLN B 216 -15.90 5.28 -16.28
C GLN B 216 -17.18 4.44 -16.43
N GLY B 217 -18.32 5.11 -16.58
CA GLY B 217 -19.60 4.39 -16.65
C GLY B 217 -20.07 4.18 -18.06
N VAL B 218 -19.17 3.63 -18.89
CA VAL B 218 -19.38 3.47 -20.34
C VAL B 218 -18.80 2.10 -20.74
N LYS B 219 -19.55 1.31 -21.52
CA LYS B 219 -19.03 0.05 -22.06
C LYS B 219 -18.04 0.31 -23.20
N ASN B 220 -17.06 -0.59 -23.35
CA ASN B 220 -16.03 -0.45 -24.38
C ASN B 220 -16.57 -0.32 -25.81
N ASN B 221 -17.69 -1.02 -26.05
CA ASN B 221 -18.36 -1.00 -27.36
C ASN B 221 -18.98 0.34 -27.71
N ASP B 222 -19.08 1.22 -26.72
CA ASP B 222 -19.70 2.53 -26.91
C ASP B 222 -18.70 3.66 -27.08
N VAL B 223 -17.44 3.37 -26.80
CA VAL B 223 -16.37 4.39 -26.85
C VAL B 223 -16.21 4.96 -28.26
N ILE B 224 -16.13 4.08 -29.26
CA ILE B 224 -15.88 4.54 -30.61
C ILE B 224 -17.02 5.41 -31.13
N GLY B 225 -18.25 5.07 -30.76
CA GLY B 225 -19.42 5.88 -31.12
C GLY B 225 -19.39 7.27 -30.53
N ARG B 226 -18.93 7.40 -29.28
CA ARG B 226 -18.76 8.71 -28.66
C ARG B 226 -17.62 9.52 -29.30
N ILE B 227 -16.48 8.87 -29.55
CA ILE B 227 -15.37 9.54 -30.26
C ILE B 227 -15.85 10.03 -31.62
N GLU B 228 -16.50 9.14 -32.38
CA GLU B 228 -16.95 9.48 -33.74
C GLU B 228 -18.04 10.53 -33.81
N ASN B 229 -18.75 10.76 -32.70
CA ASN B 229 -19.62 11.95 -32.53
C ASN B 229 -18.84 13.19 -32.08
N GLY B 230 -17.51 13.17 -32.27
CA GLY B 230 -16.61 14.29 -31.90
C GLY B 230 -16.42 14.53 -30.41
N GLU B 231 -16.75 13.54 -29.60
CA GLU B 231 -16.71 13.73 -28.17
C GLU B 231 -15.34 13.37 -27.59
N ARG B 232 -14.95 14.10 -26.55
CA ARG B 232 -13.64 13.95 -25.92
C ARG B 232 -13.78 14.05 -24.40
N LEU B 233 -12.84 13.42 -23.70
CA LEU B 233 -12.74 13.51 -22.26
C LEU B 233 -12.71 14.98 -21.86
N PRO B 234 -13.43 15.36 -20.78
CA PRO B 234 -13.56 16.77 -20.40
C PRO B 234 -12.28 17.36 -19.79
N MET B 235 -12.17 18.69 -19.78
CA MET B 235 -11.11 19.35 -19.07
C MET B 235 -11.14 19.02 -17.59
N PRO B 236 -10.06 18.43 -17.06
CA PRO B 236 -9.96 18.16 -15.63
C PRO B 236 -9.88 19.47 -14.85
N PRO B 237 -10.47 19.49 -13.64
CA PRO B 237 -10.38 20.69 -12.81
C PRO B 237 -8.93 21.07 -12.52
N ASN B 238 -8.66 22.37 -12.53
CA ASN B 238 -7.32 22.90 -12.31
C ASN B 238 -6.28 22.61 -13.41
N CYS B 239 -6.65 21.81 -14.40
CA CYS B 239 -5.83 21.64 -15.60
C CYS B 239 -5.78 22.98 -16.33
N PRO B 240 -4.57 23.51 -16.58
CA PRO B 240 -4.48 24.76 -17.33
C PRO B 240 -4.96 24.60 -18.79
N PRO B 241 -5.70 25.60 -19.31
CA PRO B 241 -6.30 25.49 -20.64
C PRO B 241 -5.28 25.14 -21.72
N THR B 242 -4.08 25.69 -21.62
CA THR B 242 -2.97 25.38 -22.51
C THR B 242 -2.63 23.87 -22.56
N LEU B 243 -2.76 23.21 -21.40
CA LEU B 243 -2.51 21.79 -21.27
C LEU B 243 -3.65 21.01 -21.88
N TYR B 244 -4.89 21.41 -21.57
CA TYR B 244 -6.06 20.77 -22.16
C TYR B 244 -6.12 20.93 -23.69
N SER B 245 -5.62 22.06 -24.16
CA SER B 245 -5.55 22.35 -25.59
C SER B 245 -4.63 21.35 -26.28
N LEU B 246 -3.59 20.96 -25.54
CA LEU B 246 -2.56 20.03 -26.00
C LEU B 246 -3.11 18.61 -26.00
N MET B 247 -3.84 18.25 -24.94
CA MET B 247 -4.57 16.97 -24.88
C MET B 247 -5.50 16.81 -26.10
N THR B 248 -6.18 17.90 -26.44
CA THR B 248 -7.11 17.94 -27.57
C THR B 248 -6.37 17.73 -28.90
N LYS B 249 -5.17 18.27 -29.04
CA LYS B 249 -4.34 18.03 -30.24
C LYS B 249 -4.02 16.54 -30.38
N CYS B 250 -3.70 15.90 -29.25
CA CYS B 250 -3.39 14.46 -29.20
C CYS B 250 -4.60 13.64 -29.62
N TRP B 251 -5.81 14.21 -29.44
CA TRP B 251 -7.05 13.52 -29.77
C TRP B 251 -7.66 13.97 -31.10
N ALA B 252 -6.80 14.37 -32.04
CA ALA B 252 -7.24 14.67 -33.39
C ALA B 252 -7.68 13.34 -33.93
N TYR B 253 -8.90 13.28 -34.47
CA TYR B 253 -9.44 12.08 -35.10
C TYR B 253 -8.51 11.60 -36.23
N ASP B 254 -8.07 12.57 -37.02
CA ASP B 254 -7.09 12.37 -38.09
C ASP B 254 -5.70 12.22 -37.48
N PRO B 255 -5.12 11.01 -37.53
CA PRO B 255 -3.79 10.72 -36.95
C PRO B 255 -2.69 11.69 -37.39
N SER B 256 -2.74 12.10 -38.66
CA SER B 256 -1.70 12.91 -39.28
C SER B 256 -1.70 14.36 -38.78
N ARG B 257 -2.74 14.71 -38.04
CA ARG B 257 -2.90 16.04 -37.44
C ARG B 257 -2.37 16.07 -36.00
N ARG B 258 -2.14 14.90 -35.41
CA ARG B 258 -1.59 14.81 -34.06
C ARG B 258 -0.10 15.23 -34.01
N PRO B 259 0.27 16.01 -32.96
CA PRO B 259 1.69 16.34 -32.74
C PRO B 259 2.55 15.09 -32.58
N ARG B 260 3.84 15.21 -32.86
CA ARG B 260 4.81 14.21 -32.45
C ARG B 260 5.31 14.53 -31.05
N PHE B 261 6.08 13.61 -30.47
CA PHE B 261 6.54 13.74 -29.09
C PHE B 261 7.62 14.82 -28.87
N THR B 262 8.40 15.15 -29.90
CA THR B 262 9.35 16.27 -29.84
C THR B 262 8.58 17.55 -29.53
N GLU B 263 7.48 17.78 -30.24
CA GLU B 263 6.58 18.92 -29.97
C GLU B 263 5.91 18.87 -28.59
N LEU B 264 5.33 17.73 -28.24
CA LEU B 264 4.69 17.54 -26.93
C LEU B 264 5.66 17.84 -25.79
N LYS B 265 6.86 17.29 -25.88
CA LYS B 265 7.89 17.45 -24.86
C LYS B 265 8.26 18.93 -24.67
N ALA B 266 8.44 19.65 -25.77
CA ALA B 266 8.70 21.09 -25.74
C ALA B 266 7.55 21.92 -25.14
N GLN B 267 6.31 21.60 -25.54
CA GLN B 267 5.12 22.28 -25.00
C GLN B 267 4.89 22.01 -23.51
N LEU B 268 5.12 20.78 -23.09
CA LEU B 268 4.97 20.41 -21.69
C LEU B 268 6.08 21.05 -20.84
N SER B 269 7.27 21.15 -21.39
CA SER B 269 8.36 21.89 -20.74
C SER B 269 7.94 23.34 -20.45
N THR B 270 7.36 24.01 -21.46
CA THR B 270 6.86 25.38 -21.32
C THR B 270 5.74 25.43 -20.29
N ILE B 271 4.79 24.51 -20.38
CA ILE B 271 3.64 24.53 -19.47
C ILE B 271 4.09 24.28 -18.02
N LEU B 272 5.07 23.38 -17.88
CA LEU B 272 5.62 23.06 -16.57
C LEU B 272 6.39 24.24 -15.97
N GLU B 273 7.22 24.88 -16.79
CA GLU B 273 8.02 26.03 -16.34
C GLU B 273 7.12 27.20 -15.98
N GLU B 274 5.99 27.30 -16.70
CA GLU B 274 4.96 28.28 -16.44
C GLU B 274 4.37 28.04 -15.05
N GLU B 275 3.80 26.86 -14.85
CA GLU B 275 3.20 26.48 -13.58
C GLU B 275 4.15 26.63 -12.39
N LYS B 276 5.39 26.18 -12.56
CA LYS B 276 6.39 26.24 -11.50
C LYS B 276 6.75 27.66 -11.10
N ALA B 277 6.86 28.56 -12.09
CA ALA B 277 7.19 29.98 -11.83
C ALA B 277 6.09 30.67 -11.03
N GLN B 278 4.84 30.28 -11.28
CA GLN B 278 3.71 30.83 -10.58
C GLN B 278 3.69 30.36 -9.12
N GLN B 279 4.04 29.10 -8.90
CA GLN B 279 4.08 28.50 -7.57
C GLN B 279 5.29 28.96 -6.77
N GLU B 280 6.34 29.41 -7.48
CA GLU B 280 7.56 29.87 -6.83
C GLU B 280 7.59 31.40 -6.64
N GLU B 281 6.53 32.08 -7.09
CA GLU B 281 6.34 33.50 -6.82
C GLU B 281 5.65 33.71 -5.47
#